data_5XD9
#
_entry.id   5XD9
#
_cell.length_a   89.821
_cell.length_b   89.821
_cell.length_c   142.467
_cell.angle_alpha   90.00
_cell.angle_beta   90.00
_cell.angle_gamma   90.00
#
_symmetry.space_group_name_H-M   'P 41 21 2'
#
loop_
_entity.id
_entity.type
_entity.pdbx_description
1 polymer '3,6-anhydro-alpha-L-galactonate cycloisomerase'
2 non-polymer 'MAGNESIUM ION'
3 water water
#
_entity_poly.entity_id   1
_entity_poly.type   'polypeptide(L)'
_entity_poly.pdbx_seq_one_letter_code
;MKTTIKDIKTRLFKIPLKEILSDAKHGDHDHFELITTTVTLEDGSQGTGYTYTGGKGGYSIKAMLEYDIQPALIGKDATQ
IEEIYDFMEWHIHYVGRGGISTFAMSAVDIALWDLKGKREGLPLWKMAGGKNNTCKAYCGGIDLQFPLEKLLNNICGYLE
SGFNAVKIKIGRENMQEDIDRIKAVRELIGPDITFMIDANYSLTVEQAIKLSKAVEQYDITWFEEPTLPDDYKGFAEIAD
NTAIPLAMGENLHTIHEFGYAMDQAKLGYCQPDASNCGGITGWLKAADLITEHNIPVCTNGMQELHVSLVSAFDTGWLEV
HSFPIDEYTKRPLVVENFRAVASNEPGIGVEFDWDKIAQYEVHHHHHH
;
_entity_poly.pdbx_strand_id   A
#
loop_
_chem_comp.id
_chem_comp.type
_chem_comp.name
_chem_comp.formula
MG non-polymer 'MAGNESIUM ION' 'Mg 2'
#
# COMPACT_ATOMS: atom_id res chain seq x y z
N MET A 1 -19.24 -4.21 28.93
CA MET A 1 -18.22 -5.19 28.60
C MET A 1 -16.88 -4.48 28.45
N LYS A 2 -15.81 -5.09 28.97
CA LYS A 2 -14.51 -4.42 29.04
C LYS A 2 -14.03 -3.99 27.65
N THR A 3 -14.26 -4.85 26.65
CA THR A 3 -13.81 -4.59 25.29
C THR A 3 -14.92 -3.98 24.43
N THR A 4 -15.97 -3.48 25.07
CA THR A 4 -16.97 -2.70 24.37
C THR A 4 -16.35 -1.38 23.88
N ILE A 5 -16.72 -0.96 22.68
CA ILE A 5 -16.17 0.27 22.13
C ILE A 5 -16.83 1.49 22.76
N LYS A 6 -16.07 2.21 23.55
CA LYS A 6 -16.59 3.36 24.27
C LYS A 6 -16.59 4.59 23.39
N ASP A 7 -15.46 4.86 22.74
CA ASP A 7 -15.34 6.04 21.87
C ASP A 7 -14.45 5.82 20.66
N ILE A 8 -14.75 6.51 19.57
CA ILE A 8 -13.85 6.53 18.41
C ILE A 8 -13.49 7.98 18.06
N LYS A 9 -12.21 8.25 17.82
CA LYS A 9 -11.75 9.59 17.49
C LYS A 9 -10.94 9.65 16.18
N THR A 10 -11.45 10.36 15.18
CA THR A 10 -10.74 10.44 13.90
C THR A 10 -10.15 11.83 13.64
N ARG A 11 -8.89 11.87 13.23
CA ARG A 11 -8.26 13.12 12.89
C ARG A 11 -7.78 13.13 11.45
N LEU A 12 -7.70 14.32 10.88
CA LEU A 12 -7.24 14.48 9.51
C LEU A 12 -5.97 15.35 9.48
N PHE A 13 -4.96 14.86 8.80
CA PHE A 13 -3.70 15.60 8.75
C PHE A 13 -3.33 15.88 7.31
N LYS A 14 -2.84 17.10 7.05
CA LYS A 14 -2.31 17.41 5.73
C LYS A 14 -0.83 17.65 5.88
N ILE A 15 -0.04 16.71 5.39
CA ILE A 15 1.39 16.73 5.59
C ILE A 15 2.11 17.05 4.29
N PRO A 16 2.90 18.13 4.28
CA PRO A 16 3.60 18.53 3.06
C PRO A 16 4.70 17.54 2.73
N LEU A 17 4.90 17.28 1.46
CA LEU A 17 6.04 16.51 1.05
C LEU A 17 7.18 17.49 0.95
N LYS A 18 8.41 17.06 1.16
CA LYS A 18 9.54 17.97 1.08
C LYS A 18 9.82 18.29 -0.38
N GLU A 19 9.26 17.51 -1.29
CA GLU A 19 9.44 17.75 -2.72
C GLU A 19 8.21 17.28 -3.50
N ILE A 20 7.96 17.84 -4.68
CA ILE A 20 6.80 17.40 -5.45
C ILE A 20 7.08 16.04 -6.08
N LEU A 21 6.10 15.14 -5.95
CA LEU A 21 6.16 13.78 -6.45
C LEU A 21 5.11 13.64 -7.56
N SER A 22 5.45 12.92 -8.61
CA SER A 22 4.69 12.97 -9.85
C SER A 22 4.58 11.62 -10.52
N ASP A 23 3.36 11.22 -10.92
CA ASP A 23 3.20 10.08 -11.82
C ASP A 23 2.18 10.41 -12.91
N ALA A 24 2.00 9.49 -13.85
CA ALA A 24 1.33 9.78 -15.12
C ALA A 24 -0.18 9.97 -15.03
N LYS A 25 -0.82 9.45 -13.99
CA LYS A 25 -2.27 9.56 -13.91
C LYS A 25 -2.78 10.24 -12.63
N HIS A 26 -2.00 10.16 -11.55
CA HIS A 26 -2.37 10.85 -10.30
C HIS A 26 -1.89 12.30 -10.34
N GLY A 27 -1.03 12.58 -11.31
CA GLY A 27 -0.44 13.89 -11.45
C GLY A 27 0.58 14.26 -10.39
N ASP A 28 0.59 15.53 -10.01
CA ASP A 28 1.58 16.05 -9.09
C ASP A 28 1.06 16.13 -7.66
N HIS A 29 1.91 15.71 -6.71
CA HIS A 29 1.56 15.75 -5.29
C HIS A 29 2.45 16.75 -4.55
N ASP A 30 1.85 17.54 -3.66
CA ASP A 30 2.58 18.51 -2.85
C ASP A 30 2.46 18.15 -1.38
N HIS A 31 1.53 17.26 -1.09
CA HIS A 31 1.29 16.81 0.25
C HIS A 31 0.59 15.47 0.17
N PHE A 32 0.42 14.82 1.31
CA PHE A 32 -0.52 13.70 1.38
C PHE A 32 -1.40 13.92 2.60
N GLU A 33 -2.50 13.17 2.66
CA GLU A 33 -3.45 13.30 3.75
C GLU A 33 -3.36 12.07 4.61
N LEU A 34 -3.42 12.29 5.92
CA LEU A 34 -3.35 11.20 6.88
C LEU A 34 -4.60 11.20 7.74
N ILE A 35 -5.36 10.11 7.68
CA ILE A 35 -6.55 10.00 8.52
C ILE A 35 -6.26 9.04 9.66
N THR A 36 -6.15 9.51 10.89
CA THR A 36 -6.01 8.57 12.01
C THR A 36 -7.35 8.31 12.69
N THR A 37 -7.53 7.09 13.18
CA THR A 37 -8.72 6.71 13.92
C THR A 37 -8.30 6.08 15.24
N THR A 38 -8.67 6.70 16.35
CA THR A 38 -8.37 6.08 17.62
C THR A 38 -9.64 5.53 18.26
N VAL A 39 -9.56 4.30 18.73
CA VAL A 39 -10.70 3.62 19.30
C VAL A 39 -10.46 3.36 20.77
N THR A 40 -11.40 3.78 21.61
CA THR A 40 -11.25 3.54 23.03
C THR A 40 -12.26 2.54 23.52
N LEU A 41 -11.76 1.52 24.21
CA LEU A 41 -12.63 0.53 24.81
C LEU A 41 -13.00 1.00 26.23
N GLU A 42 -13.98 0.33 26.83
CA GLU A 42 -14.53 0.76 28.10
C GLU A 42 -13.52 0.58 29.21
N ASP A 43 -12.72 -0.48 29.12
CA ASP A 43 -11.67 -0.72 30.12
C ASP A 43 -10.53 0.28 29.96
N GLY A 44 -10.59 1.11 28.92
CA GLY A 44 -9.60 2.13 28.71
C GLY A 44 -8.60 1.85 27.60
N SER A 45 -8.55 0.62 27.10
CA SER A 45 -7.62 0.25 26.03
C SER A 45 -7.80 1.13 24.80
N GLN A 46 -6.71 1.35 24.07
CA GLN A 46 -6.72 2.23 22.93
C GLN A 46 -5.95 1.66 21.74
N GLY A 47 -6.61 1.66 20.60
CA GLY A 47 -5.98 1.20 19.38
C GLY A 47 -6.09 2.32 18.38
N THR A 48 -5.09 2.45 17.52
CA THR A 48 -5.13 3.46 16.48
C THR A 48 -4.75 2.85 15.15
N GLY A 49 -5.63 3.04 14.17
CA GLY A 49 -5.37 2.67 12.79
C GLY A 49 -5.42 3.91 11.93
N TYR A 50 -5.22 3.76 10.64
CA TYR A 50 -5.13 4.92 9.78
C TYR A 50 -5.19 4.55 8.30
N THR A 51 -5.26 5.59 7.48
CA THR A 51 -5.27 5.46 6.05
C THR A 51 -4.63 6.74 5.51
N TYR A 52 -4.28 6.74 4.23
CA TYR A 52 -3.66 7.90 3.64
C TYR A 52 -4.18 8.07 2.22
N THR A 53 -4.08 9.28 1.73
CA THR A 53 -4.37 9.58 0.33
C THR A 53 -3.23 10.42 -0.19
N GLY A 54 -3.18 10.62 -1.49
CA GLY A 54 -2.17 11.51 -2.04
C GLY A 54 -2.64 12.95 -2.10
N GLY A 55 -3.66 13.29 -1.33
CA GLY A 55 -4.12 14.67 -1.29
C GLY A 55 -5.61 14.90 -1.46
N LYS A 56 -6.32 13.92 -2.01
CA LYS A 56 -7.76 14.04 -2.22
C LYS A 56 -8.54 12.96 -1.46
N GLY A 57 -9.63 13.33 -0.82
CA GLY A 57 -10.48 12.36 -0.17
C GLY A 57 -10.48 12.44 1.34
N GLY A 58 -9.47 13.11 1.89
CA GLY A 58 -9.29 13.26 3.32
C GLY A 58 -10.57 13.62 4.04
N TYR A 59 -11.10 14.80 3.75
CA TYR A 59 -12.36 15.23 4.35
C TYR A 59 -13.48 14.22 4.08
N SER A 60 -13.52 13.69 2.87
CA SER A 60 -14.57 12.75 2.51
C SER A 60 -14.51 11.44 3.33
N ILE A 61 -13.31 10.84 3.39
CA ILE A 61 -13.09 9.68 4.26
C ILE A 61 -13.47 9.98 5.72
N LYS A 62 -13.05 11.14 6.21
CA LYS A 62 -13.33 11.51 7.60
C LYS A 62 -14.81 11.75 7.85
N ALA A 63 -15.52 12.26 6.84
CA ALA A 63 -16.93 12.52 6.99
C ALA A 63 -17.64 11.19 7.16
N MET A 64 -17.34 10.28 6.23
CA MET A 64 -17.73 8.88 6.32
C MET A 64 -17.62 8.30 7.72
N LEU A 65 -16.41 8.29 8.26
CA LEU A 65 -16.16 7.75 9.60
C LEU A 65 -17.06 8.42 10.61
N GLU A 66 -17.02 9.74 10.66
CA GLU A 66 -17.70 10.47 11.72
C GLU A 66 -19.23 10.42 11.67
N TYR A 67 -19.82 10.37 10.48
CA TYR A 67 -21.27 10.46 10.40
C TYR A 67 -21.95 9.16 10.05
N ASP A 68 -21.25 8.26 9.37
CA ASP A 68 -21.89 7.02 8.89
C ASP A 68 -21.42 5.76 9.62
N ILE A 69 -20.20 5.76 10.14
CA ILE A 69 -19.64 4.51 10.62
C ILE A 69 -19.40 4.50 12.13
N GLN A 70 -18.70 5.50 12.64
CA GLN A 70 -18.36 5.51 14.05
C GLN A 70 -19.60 5.51 14.97
N PRO A 71 -20.65 6.29 14.64
CA PRO A 71 -21.83 6.18 15.51
C PRO A 71 -22.43 4.77 15.57
N ALA A 72 -22.18 3.93 14.56
CA ALA A 72 -22.72 2.58 14.53
C ALA A 72 -21.88 1.60 15.32
N LEU A 73 -20.65 1.99 15.62
CA LEU A 73 -19.69 1.05 16.24
C LEU A 73 -19.70 1.15 17.75
N ILE A 74 -20.07 2.32 18.27
CA ILE A 74 -20.13 2.51 19.71
C ILE A 74 -21.04 1.45 20.34
N GLY A 75 -20.59 0.87 21.44
CA GLY A 75 -21.33 -0.22 22.04
C GLY A 75 -21.07 -1.60 21.47
N LYS A 76 -20.48 -1.69 20.29
CA LYS A 76 -20.11 -3.01 19.77
C LYS A 76 -18.88 -3.52 20.52
N ASP A 77 -18.68 -4.83 20.50
CA ASP A 77 -17.53 -5.48 21.16
C ASP A 77 -16.32 -5.60 20.22
N ALA A 78 -15.29 -4.82 20.52
CA ALA A 78 -14.11 -4.70 19.65
C ALA A 78 -13.38 -6.00 19.40
N THR A 79 -13.65 -7.03 20.19
CA THR A 79 -12.98 -8.32 19.97
C THR A 79 -13.57 -9.07 18.80
N GLN A 80 -14.75 -8.64 18.32
CA GLN A 80 -15.40 -9.28 17.18
C GLN A 80 -15.00 -8.62 15.86
N ILE A 81 -13.73 -8.67 15.53
CA ILE A 81 -13.23 -7.97 14.36
C ILE A 81 -13.90 -8.39 13.05
N GLU A 82 -13.90 -9.69 12.73
CA GLU A 82 -14.50 -10.19 11.49
C GLU A 82 -15.96 -9.79 11.39
N GLU A 83 -16.64 -9.78 12.53
CA GLU A 83 -18.04 -9.45 12.59
C GLU A 83 -18.26 -7.95 12.26
N ILE A 84 -17.55 -7.09 12.99
CA ILE A 84 -17.60 -5.65 12.81
C ILE A 84 -17.20 -5.27 11.39
N TYR A 85 -16.27 -6.03 10.84
CA TYR A 85 -15.85 -5.85 9.47
C TYR A 85 -17.02 -6.15 8.55
N ASP A 86 -17.66 -7.29 8.80
CA ASP A 86 -18.80 -7.66 7.98
C ASP A 86 -19.97 -6.68 8.20
N PHE A 87 -20.04 -6.11 9.38
CA PHE A 87 -21.11 -5.18 9.66
C PHE A 87 -20.94 -3.93 8.82
N MET A 88 -19.70 -3.49 8.67
CA MET A 88 -19.44 -2.27 7.93
C MET A 88 -19.70 -2.45 6.45
N GLU A 89 -19.17 -3.55 5.89
CA GLU A 89 -19.34 -3.83 4.47
C GLU A 89 -20.79 -3.71 3.98
N TRP A 90 -21.76 -4.11 4.79
CA TRP A 90 -23.16 -4.02 4.41
C TRP A 90 -23.76 -2.71 4.87
N HIS A 91 -23.21 -2.18 5.95
CA HIS A 91 -23.68 -0.91 6.49
C HIS A 91 -23.56 0.20 5.46
N ILE A 92 -22.45 0.21 4.75
CA ILE A 92 -22.19 1.29 3.82
C ILE A 92 -22.19 0.80 2.39
N HIS A 93 -22.92 -0.30 2.13
CA HIS A 93 -22.86 -0.97 0.83
C HIS A 93 -23.45 -0.14 -0.31
N TYR A 94 -24.54 0.59 -0.05
CA TYR A 94 -25.14 1.41 -1.12
C TYR A 94 -24.17 2.47 -1.59
N VAL A 95 -23.34 2.98 -0.68
CA VAL A 95 -22.31 3.95 -1.03
C VAL A 95 -20.93 3.32 -1.00
N GLY A 96 -20.89 1.99 -1.05
CA GLY A 96 -19.64 1.27 -0.89
C GLY A 96 -19.21 0.52 -2.12
N ARG A 97 -18.78 -0.73 -1.92
CA ARG A 97 -18.17 -1.57 -2.96
C ARG A 97 -16.89 -0.91 -3.45
N GLY A 98 -16.02 -0.55 -2.50
CA GLY A 98 -14.82 0.19 -2.81
C GLY A 98 -15.02 1.69 -2.70
N GLY A 99 -13.99 2.46 -3.06
CA GLY A 99 -14.08 3.90 -3.00
C GLY A 99 -13.73 4.43 -1.61
N ILE A 100 -14.37 5.52 -1.20
CA ILE A 100 -14.10 6.14 0.08
C ILE A 100 -14.37 5.16 1.21
N SER A 101 -15.46 4.42 1.05
CA SER A 101 -15.92 3.49 2.07
C SER A 101 -14.83 2.51 2.50
N THR A 102 -14.02 2.02 1.56
CA THR A 102 -13.00 1.05 1.96
C THR A 102 -11.88 1.70 2.73
N PHE A 103 -11.56 2.96 2.41
CA PHE A 103 -10.51 3.65 3.18
C PHE A 103 -10.96 3.76 4.62
N ALA A 104 -12.22 4.16 4.78
CA ALA A 104 -12.81 4.38 6.09
C ALA A 104 -12.81 3.09 6.90
N MET A 105 -13.29 2.00 6.31
CA MET A 105 -13.28 0.70 6.96
C MET A 105 -11.87 0.34 7.37
N SER A 106 -10.92 0.54 6.47
CA SER A 106 -9.53 0.19 6.73
C SER A 106 -8.98 0.88 7.98
N ALA A 107 -9.29 2.17 8.15
CA ALA A 107 -8.78 2.89 9.30
C ALA A 107 -9.35 2.29 10.57
N VAL A 108 -10.61 1.86 10.50
CA VAL A 108 -11.28 1.31 11.67
C VAL A 108 -10.75 -0.09 11.99
N ASP A 109 -10.64 -0.91 10.95
CA ASP A 109 -10.19 -2.27 11.10
C ASP A 109 -8.78 -2.33 11.70
N ILE A 110 -7.87 -1.54 11.13
CA ILE A 110 -6.49 -1.50 11.61
C ILE A 110 -6.46 -1.08 13.07
N ALA A 111 -7.39 -0.21 13.48
CA ALA A 111 -7.50 0.17 14.89
C ALA A 111 -7.79 -1.05 15.77
N LEU A 112 -8.73 -1.88 15.33
CA LEU A 112 -9.13 -3.06 16.06
C LEU A 112 -8.00 -4.08 16.19
N TRP A 113 -7.18 -4.20 15.17
CA TRP A 113 -6.06 -5.12 15.26
C TRP A 113 -4.98 -4.56 16.16
N ASP A 114 -4.88 -3.24 16.25
CA ASP A 114 -3.94 -2.66 17.17
C ASP A 114 -4.39 -2.98 18.61
N LEU A 115 -5.70 -3.00 18.83
CA LEU A 115 -6.22 -3.36 20.13
C LEU A 115 -5.96 -4.84 20.40
N LYS A 116 -6.24 -5.68 19.41
CA LYS A 116 -6.11 -7.12 19.56
C LYS A 116 -4.66 -7.53 19.84
N GLY A 117 -3.74 -6.97 19.05
CA GLY A 117 -2.33 -7.21 19.26
C GLY A 117 -1.92 -6.85 20.67
N LYS A 118 -2.36 -5.68 21.13
CA LYS A 118 -2.01 -5.25 22.49
C LYS A 118 -2.72 -6.15 23.51
N ARG A 119 -3.91 -6.58 23.18
CA ARG A 119 -4.67 -7.40 24.11
C ARG A 119 -4.00 -8.75 24.29
N GLU A 120 -3.40 -9.27 23.24
CA GLU A 120 -2.87 -10.63 23.28
C GLU A 120 -1.35 -10.65 23.46
N GLY A 121 -0.74 -9.48 23.64
CA GLY A 121 0.72 -9.38 23.66
C GLY A 121 1.39 -9.91 22.40
N LEU A 122 0.87 -9.54 21.24
CA LEU A 122 1.38 -10.06 19.96
C LEU A 122 1.68 -8.97 18.93
N PRO A 123 2.82 -9.09 18.23
CA PRO A 123 3.13 -8.19 17.11
C PRO A 123 2.27 -8.52 15.88
N LEU A 124 2.06 -7.55 15.00
CA LEU A 124 1.19 -7.77 13.85
C LEU A 124 1.73 -8.90 12.97
N TRP A 125 3.05 -9.02 12.84
CA TRP A 125 3.60 -10.03 11.96
C TRP A 125 3.35 -11.43 12.51
N LYS A 126 3.05 -11.53 13.79
CA LYS A 126 2.70 -12.81 14.36
C LYS A 126 1.22 -13.10 14.10
N MET A 127 0.34 -12.17 14.43
CA MET A 127 -1.08 -12.39 14.21
C MET A 127 -1.40 -12.56 12.72
N ALA A 128 -0.59 -11.95 11.86
CA ALA A 128 -0.89 -11.99 10.43
C ALA A 128 -0.39 -13.28 9.79
N GLY A 129 0.24 -14.16 10.56
CA GLY A 129 0.67 -15.45 10.03
C GLY A 129 2.07 -15.90 10.41
N GLY A 130 2.89 -14.99 10.90
CA GLY A 130 4.18 -15.33 11.47
C GLY A 130 5.26 -16.07 10.68
N LYS A 131 5.12 -16.23 9.37
CA LYS A 131 6.12 -16.99 8.64
C LYS A 131 7.53 -16.37 8.69
N ASN A 132 7.60 -15.09 9.01
CA ASN A 132 8.86 -14.36 9.03
C ASN A 132 8.59 -12.94 9.55
N ASN A 133 9.64 -12.21 9.92
CA ASN A 133 9.45 -10.86 10.44
C ASN A 133 10.34 -9.86 9.71
N THR A 134 10.97 -10.33 8.64
CA THR A 134 11.66 -9.45 7.70
C THR A 134 11.18 -9.79 6.31
N CYS A 135 11.33 -8.86 5.38
CA CYS A 135 10.93 -9.13 4.00
C CYS A 135 11.81 -8.38 3.00
N LYS A 136 11.82 -8.85 1.76
CA LYS A 136 12.42 -8.11 0.66
C LYS A 136 11.81 -6.71 0.53
N ALA A 137 12.64 -5.74 0.19
CA ALA A 137 12.21 -4.35 0.08
C ALA A 137 12.76 -3.70 -1.16
N TYR A 138 11.93 -2.89 -1.80
CA TYR A 138 12.42 -2.10 -2.92
C TYR A 138 11.99 -0.64 -2.75
N CYS A 139 12.76 0.28 -3.32
CA CYS A 139 12.38 1.69 -3.29
C CYS A 139 11.48 2.08 -4.45
N GLY A 140 10.31 2.61 -4.11
CA GLY A 140 9.39 3.13 -5.10
C GLY A 140 9.49 4.63 -5.10
N GLY A 141 10.19 5.20 -6.08
CA GLY A 141 10.22 6.63 -6.28
C GLY A 141 9.09 7.10 -7.19
N ILE A 142 8.32 8.07 -6.73
CA ILE A 142 7.27 8.70 -7.55
C ILE A 142 7.84 9.88 -8.38
N ASP A 143 8.48 9.54 -9.50
CA ASP A 143 9.54 10.37 -10.07
C ASP A 143 9.38 10.68 -11.55
N LEU A 144 8.15 10.69 -12.04
CA LEU A 144 7.93 10.77 -13.49
C LEU A 144 8.45 12.08 -14.09
N GLN A 145 8.24 13.20 -13.39
CA GLN A 145 8.64 14.50 -13.92
C GLN A 145 10.11 14.84 -13.67
N PHE A 146 10.86 13.96 -13.03
CA PHE A 146 12.27 14.21 -12.77
C PHE A 146 13.08 14.20 -14.07
N PRO A 147 13.96 15.20 -14.24
CA PRO A 147 15.00 15.08 -15.25
C PRO A 147 15.83 13.81 -15.01
N LEU A 148 16.32 13.19 -16.07
CA LEU A 148 17.06 11.93 -15.95
C LEU A 148 18.23 12.05 -14.98
N GLU A 149 18.85 13.22 -14.97
CA GLU A 149 19.96 13.47 -14.05
C GLU A 149 19.48 13.31 -12.61
N LYS A 150 18.36 13.95 -12.26
CA LYS A 150 17.80 13.87 -10.91
C LYS A 150 17.50 12.40 -10.63
N LEU A 151 16.77 11.78 -11.55
CA LEU A 151 16.38 10.38 -11.42
C LEU A 151 17.53 9.46 -11.06
N LEU A 152 18.64 9.53 -11.80
CA LEU A 152 19.79 8.67 -11.48
C LEU A 152 20.38 8.96 -10.10
N ASN A 153 20.56 10.24 -9.76
CA ASN A 153 21.04 10.59 -8.42
C ASN A 153 20.16 10.00 -7.34
N ASN A 154 18.86 10.22 -7.49
CA ASN A 154 17.87 9.74 -6.56
C ASN A 154 18.01 8.26 -6.31
N ILE A 155 18.10 7.50 -7.41
CA ILE A 155 18.29 6.05 -7.37
C ILE A 155 19.63 5.68 -6.75
N CYS A 156 20.63 6.52 -6.97
CA CYS A 156 21.92 6.30 -6.35
C CYS A 156 21.81 6.44 -4.84
N GLY A 157 20.91 7.31 -4.41
CA GLY A 157 20.67 7.50 -2.99
C GLY A 157 20.08 6.24 -2.37
N TYR A 158 19.16 5.62 -3.10
CA TYR A 158 18.51 4.41 -2.66
C TYR A 158 19.54 3.34 -2.40
N LEU A 159 20.32 3.05 -3.43
CA LEU A 159 21.33 2.02 -3.38
C LEU A 159 22.32 2.25 -2.25
N GLU A 160 22.64 3.50 -2.00
CA GLU A 160 23.58 3.80 -0.93
C GLU A 160 22.88 3.92 0.41
N SER A 161 21.54 3.91 0.40
CA SER A 161 20.76 3.93 1.65
C SER A 161 20.54 2.52 2.17
N GLY A 162 21.15 1.55 1.48
CA GLY A 162 21.03 0.16 1.86
C GLY A 162 19.86 -0.61 1.26
N PHE A 163 19.44 -0.24 0.04
CA PHE A 163 18.45 -1.04 -0.68
C PHE A 163 19.09 -1.72 -1.87
N ASN A 164 18.44 -2.74 -2.39
CA ASN A 164 19.00 -3.50 -3.48
C ASN A 164 18.01 -3.70 -4.62
N ALA A 165 16.92 -2.93 -4.60
CA ALA A 165 15.89 -3.03 -5.63
C ALA A 165 15.17 -1.69 -5.75
N VAL A 166 14.83 -1.32 -6.98
CA VAL A 166 14.23 -0.01 -7.25
C VAL A 166 13.07 -0.09 -8.27
N LYS A 167 12.06 0.75 -8.06
CA LYS A 167 10.98 0.89 -9.02
C LYS A 167 10.86 2.35 -9.45
N ILE A 168 10.76 2.58 -10.75
CA ILE A 168 10.58 3.93 -11.28
C ILE A 168 9.24 4.09 -11.96
N LYS A 169 8.73 5.31 -12.04
CA LYS A 169 7.52 5.58 -12.81
C LYS A 169 7.82 5.66 -14.30
N ILE A 170 6.91 5.14 -15.09
CA ILE A 170 6.89 5.36 -16.53
C ILE A 170 5.52 5.91 -16.92
N GLY A 171 5.39 6.35 -18.16
CA GLY A 171 4.12 6.94 -18.57
C GLY A 171 4.29 8.31 -19.16
N ARG A 172 5.52 8.62 -19.58
CA ARG A 172 5.74 9.84 -20.32
C ARG A 172 4.99 9.82 -21.65
N GLU A 173 4.73 11.01 -22.20
CA GLU A 173 4.02 11.12 -23.47
C GLU A 173 4.83 10.50 -24.58
N ASN A 174 6.11 10.87 -24.64
CA ASN A 174 7.00 10.23 -25.57
C ASN A 174 7.49 8.92 -25.00
N MET A 175 7.01 7.82 -25.54
CA MET A 175 7.37 6.50 -25.02
C MET A 175 8.88 6.27 -25.10
N GLN A 176 9.53 6.94 -26.04
CA GLN A 176 10.97 6.82 -26.21
C GLN A 176 11.73 7.29 -24.97
N GLU A 177 11.21 8.33 -24.32
CA GLU A 177 11.81 8.80 -23.10
C GLU A 177 11.77 7.74 -22.01
N ASP A 178 10.62 7.06 -21.87
CA ASP A 178 10.51 5.98 -20.90
C ASP A 178 11.53 4.89 -21.21
N ILE A 179 11.69 4.54 -22.47
CA ILE A 179 12.65 3.51 -22.83
C ILE A 179 14.06 3.96 -22.50
N ASP A 180 14.34 5.22 -22.80
CA ASP A 180 15.66 5.79 -22.53
C ASP A 180 15.99 5.83 -21.04
N ARG A 181 15.03 6.25 -20.21
CA ARG A 181 15.24 6.33 -18.76
C ARG A 181 15.45 4.94 -18.20
N ILE A 182 14.64 3.98 -18.63
CA ILE A 182 14.78 2.60 -18.17
C ILE A 182 16.19 2.07 -18.46
N LYS A 183 16.61 2.14 -19.73
CA LYS A 183 17.98 1.76 -20.11
C LYS A 183 19.04 2.51 -19.30
N ALA A 184 18.79 3.80 -19.08
CA ALA A 184 19.71 4.61 -18.30
C ALA A 184 19.88 4.05 -16.90
N VAL A 185 18.76 3.70 -16.26
CA VAL A 185 18.78 3.21 -14.89
C VAL A 185 19.50 1.85 -14.83
N ARG A 186 19.15 0.94 -15.74
CA ARG A 186 19.77 -0.38 -15.78
C ARG A 186 21.30 -0.26 -15.85
N GLU A 187 21.80 0.59 -16.76
CA GLU A 187 23.23 0.87 -16.85
C GLU A 187 23.81 1.35 -15.53
N LEU A 188 23.09 2.22 -14.85
CA LEU A 188 23.56 2.77 -13.58
C LEU A 188 23.68 1.70 -12.50
N ILE A 189 22.62 0.92 -12.28
CA ILE A 189 22.56 0.01 -11.14
C ILE A 189 23.30 -1.31 -11.37
N GLY A 190 23.63 -1.61 -12.63
CA GLY A 190 24.26 -2.86 -12.98
C GLY A 190 23.31 -4.04 -12.99
N PRO A 191 23.82 -5.24 -13.28
CA PRO A 191 22.99 -6.43 -13.44
C PRO A 191 22.46 -7.04 -12.14
N ASP A 192 23.02 -6.70 -10.99
CA ASP A 192 22.66 -7.43 -9.77
C ASP A 192 21.52 -6.80 -8.99
N ILE A 193 20.77 -5.90 -9.61
CA ILE A 193 19.72 -5.21 -8.87
C ILE A 193 18.36 -5.37 -9.48
N THR A 194 17.41 -5.75 -8.64
CA THR A 194 16.03 -5.87 -9.06
C THR A 194 15.48 -4.50 -9.46
N PHE A 195 14.86 -4.48 -10.62
CA PHE A 195 14.38 -3.29 -11.25
C PHE A 195 12.91 -3.53 -11.57
N MET A 196 12.00 -2.71 -11.06
CA MET A 196 10.60 -2.77 -11.51
C MET A 196 10.20 -1.49 -12.22
N ILE A 197 9.13 -1.57 -13.01
CA ILE A 197 8.53 -0.36 -13.59
C ILE A 197 7.04 -0.28 -13.29
N ASP A 198 6.58 0.95 -13.09
CA ASP A 198 5.18 1.22 -12.74
C ASP A 198 4.62 2.26 -13.72
N ALA A 199 3.53 1.91 -14.41
CA ALA A 199 2.97 2.78 -15.42
C ALA A 199 1.76 3.55 -14.92
N ASN A 200 1.27 3.20 -13.74
CA ASN A 200 0.08 3.82 -13.14
C ASN A 200 -1.10 3.89 -14.08
N TYR A 201 -1.46 2.75 -14.67
CA TYR A 201 -2.53 2.59 -15.65
C TYR A 201 -2.60 3.72 -16.69
N SER A 202 -1.44 4.14 -17.17
CA SER A 202 -1.41 5.27 -18.08
C SER A 202 -1.40 4.84 -19.53
N LEU A 203 -1.22 3.55 -19.76
CA LEU A 203 -1.06 3.03 -21.11
C LEU A 203 -2.28 2.27 -21.62
N THR A 204 -2.36 2.14 -22.94
CA THR A 204 -3.30 1.23 -23.57
C THR A 204 -2.69 -0.14 -23.64
N VAL A 205 -3.49 -1.16 -23.91
CA VAL A 205 -2.95 -2.51 -24.08
C VAL A 205 -1.86 -2.54 -25.15
N GLU A 206 -2.15 -1.95 -26.31
CA GLU A 206 -1.17 -1.86 -27.38
C GLU A 206 0.14 -1.22 -26.90
N GLN A 207 0.02 -0.07 -26.25
CA GLN A 207 1.20 0.68 -25.83
C GLN A 207 2.05 -0.10 -24.86
N ALA A 208 1.39 -0.78 -23.93
CA ALA A 208 2.07 -1.54 -22.89
C ALA A 208 2.89 -2.66 -23.51
N ILE A 209 2.27 -3.37 -24.47
CA ILE A 209 2.95 -4.43 -25.19
C ILE A 209 4.16 -3.87 -25.93
N LYS A 210 3.93 -2.74 -26.61
CA LYS A 210 4.96 -2.07 -27.38
C LYS A 210 6.12 -1.69 -26.48
N LEU A 211 5.80 -1.11 -25.33
CA LEU A 211 6.80 -0.72 -24.34
C LEU A 211 7.51 -1.90 -23.69
N SER A 212 6.73 -2.92 -23.33
CA SER A 212 7.29 -4.08 -22.65
C SER A 212 8.37 -4.79 -23.48
N LYS A 213 8.00 -5.22 -24.69
CA LYS A 213 8.96 -5.82 -25.59
C LYS A 213 10.19 -4.94 -25.79
N ALA A 214 9.98 -3.62 -25.78
CA ALA A 214 11.08 -2.65 -25.93
C ALA A 214 12.16 -2.73 -24.85
N VAL A 215 11.75 -2.96 -23.60
CA VAL A 215 12.69 -2.88 -22.49
C VAL A 215 12.97 -4.20 -21.80
N GLU A 216 12.40 -5.29 -22.28
CA GLU A 216 12.52 -6.53 -21.54
C GLU A 216 13.98 -6.97 -21.48
N GLN A 217 14.75 -6.54 -22.48
CA GLN A 217 16.20 -6.71 -22.48
C GLN A 217 16.95 -6.17 -21.24
N TYR A 218 16.30 -5.35 -20.41
CA TYR A 218 17.02 -4.79 -19.25
C TYR A 218 16.69 -5.52 -17.96
N ASP A 219 16.13 -6.72 -18.11
CA ASP A 219 15.76 -7.62 -17.01
C ASP A 219 14.85 -6.93 -16.02
N ILE A 220 13.60 -6.72 -16.43
CA ILE A 220 12.64 -6.09 -15.54
C ILE A 220 11.90 -7.16 -14.76
N THR A 221 11.82 -7.00 -13.45
CA THR A 221 11.18 -7.99 -12.60
C THR A 221 9.67 -7.99 -12.70
N TRP A 222 9.06 -6.81 -12.58
CA TRP A 222 7.66 -6.73 -12.96
C TRP A 222 7.29 -5.40 -13.61
N PHE A 223 6.07 -5.38 -14.15
CA PHE A 223 5.53 -4.26 -14.90
C PHE A 223 4.17 -3.94 -14.29
N GLU A 224 4.16 -2.93 -13.43
CA GLU A 224 3.02 -2.63 -12.56
C GLU A 224 1.98 -1.78 -13.27
N GLU A 225 0.72 -2.18 -13.11
CA GLU A 225 -0.44 -1.41 -13.61
C GLU A 225 -0.21 -0.81 -14.99
N PRO A 226 -0.07 -1.67 -16.02
CA PRO A 226 0.19 -1.13 -17.37
C PRO A 226 -1.01 -0.38 -17.93
N THR A 227 -2.20 -0.89 -17.66
CA THR A 227 -3.39 -0.27 -18.21
C THR A 227 -4.41 -0.16 -17.09
N LEU A 228 -5.62 0.33 -17.38
CA LEU A 228 -6.68 0.46 -16.38
C LEU A 228 -6.91 -0.83 -15.60
N PRO A 229 -6.84 -0.76 -14.25
CA PRO A 229 -6.96 -1.95 -13.38
C PRO A 229 -8.30 -2.69 -13.54
N ASP A 230 -9.31 -1.99 -14.03
CA ASP A 230 -10.61 -2.59 -14.34
C ASP A 230 -10.61 -3.48 -15.58
N ASP A 231 -9.61 -3.32 -16.44
CA ASP A 231 -9.54 -4.05 -17.70
C ASP A 231 -8.77 -5.36 -17.51
N TYR A 232 -9.37 -6.32 -16.80
CA TYR A 232 -8.65 -7.54 -16.41
C TYR A 232 -8.26 -8.34 -17.65
N LYS A 233 -9.12 -8.31 -18.67
CA LYS A 233 -8.81 -8.96 -19.95
C LYS A 233 -7.64 -8.28 -20.66
N GLY A 234 -7.61 -6.96 -20.58
CA GLY A 234 -6.54 -6.17 -21.16
C GLY A 234 -5.21 -6.64 -20.61
N PHE A 235 -5.17 -6.88 -19.30
CA PHE A 235 -3.98 -7.43 -18.66
C PHE A 235 -3.61 -8.74 -19.29
N ALA A 236 -4.57 -9.65 -19.43
CA ALA A 236 -4.33 -10.95 -20.04
C ALA A 236 -3.87 -10.81 -21.49
N GLU A 237 -4.39 -9.79 -22.18
CA GLU A 237 -3.96 -9.54 -23.55
C GLU A 237 -2.50 -9.14 -23.50
N ILE A 238 -2.15 -8.25 -22.58
CA ILE A 238 -0.78 -7.74 -22.46
C ILE A 238 0.18 -8.88 -22.11
N ALA A 239 -0.23 -9.71 -21.17
CA ALA A 239 0.62 -10.75 -20.61
C ALA A 239 0.90 -11.82 -21.67
N ASP A 240 -0.14 -12.21 -22.38
CA ASP A 240 -0.06 -13.18 -23.48
C ASP A 240 0.92 -12.78 -24.58
N ASN A 241 1.36 -11.53 -24.58
CA ASN A 241 2.19 -11.05 -25.68
C ASN A 241 3.50 -10.45 -25.21
N THR A 242 3.79 -10.62 -23.92
CA THR A 242 5.00 -10.04 -23.37
C THR A 242 5.64 -11.00 -22.40
N ALA A 243 6.83 -10.62 -21.95
CA ALA A 243 7.66 -11.47 -21.13
C ALA A 243 7.80 -10.95 -19.70
N ILE A 244 7.74 -9.63 -19.52
CA ILE A 244 7.84 -9.06 -18.17
C ILE A 244 6.58 -9.39 -17.38
N PRO A 245 6.73 -10.04 -16.21
CA PRO A 245 5.57 -10.32 -15.37
C PRO A 245 4.80 -9.05 -15.01
N LEU A 246 3.47 -9.17 -14.93
CA LEU A 246 2.61 -8.03 -14.57
C LEU A 246 2.26 -7.98 -13.07
N ALA A 247 2.07 -6.78 -12.56
CA ALA A 247 1.67 -6.60 -11.16
C ALA A 247 0.53 -5.61 -11.08
N MET A 248 -0.21 -5.66 -9.99
CA MET A 248 -1.40 -4.83 -9.81
C MET A 248 -2.00 -5.10 -8.45
N GLY A 249 -2.80 -4.16 -7.94
CA GLY A 249 -3.60 -4.44 -6.76
C GLY A 249 -3.83 -3.25 -5.85
N GLU A 250 -2.89 -2.31 -5.84
CA GLU A 250 -3.00 -1.08 -5.05
C GLU A 250 -4.36 -0.39 -5.21
N ASN A 251 -4.98 -0.57 -6.37
CA ASN A 251 -6.23 0.11 -6.70
C ASN A 251 -7.41 -0.83 -6.65
N LEU A 252 -7.23 -2.00 -6.06
CA LEU A 252 -8.34 -2.90 -5.90
C LEU A 252 -8.82 -2.81 -4.46
N HIS A 253 -10.11 -2.62 -4.28
CA HIS A 253 -10.60 -2.23 -2.97
C HIS A 253 -11.45 -3.34 -2.35
N THR A 254 -11.55 -4.46 -3.05
CA THR A 254 -12.60 -5.42 -2.77
C THR A 254 -12.09 -6.82 -3.04
N ILE A 255 -12.51 -7.76 -2.21
CA ILE A 255 -12.02 -9.13 -2.34
C ILE A 255 -12.46 -9.69 -3.69
N HIS A 256 -13.59 -9.20 -4.20
CA HIS A 256 -14.09 -9.64 -5.50
C HIS A 256 -13.20 -9.22 -6.65
N GLU A 257 -12.74 -7.98 -6.61
CA GLU A 257 -11.77 -7.50 -7.58
C GLU A 257 -10.52 -8.38 -7.57
N PHE A 258 -10.16 -8.88 -6.40
CA PHE A 258 -8.96 -9.68 -6.29
C PHE A 258 -9.23 -11.03 -6.92
N GLY A 259 -10.44 -11.54 -6.72
CA GLY A 259 -10.90 -12.71 -7.44
C GLY A 259 -10.79 -12.57 -8.97
N TYR A 260 -11.21 -11.42 -9.51
CA TYR A 260 -11.16 -11.18 -10.95
C TYR A 260 -9.72 -11.21 -11.44
N ALA A 261 -8.85 -10.55 -10.69
CA ALA A 261 -7.44 -10.45 -11.00
C ALA A 261 -6.82 -11.82 -11.15
N MET A 262 -6.94 -12.62 -10.09
CA MET A 262 -6.44 -13.99 -10.10
C MET A 262 -7.06 -14.82 -11.21
N ASP A 263 -8.34 -14.64 -11.49
CA ASP A 263 -9.00 -15.53 -12.41
C ASP A 263 -8.81 -15.14 -13.86
N GLN A 264 -8.52 -13.86 -14.12
CA GLN A 264 -8.50 -13.35 -15.50
C GLN A 264 -7.29 -12.50 -15.87
N ALA A 265 -6.60 -11.89 -14.91
CA ALA A 265 -5.61 -10.85 -15.25
C ALA A 265 -4.23 -11.39 -15.54
N LYS A 266 -4.02 -12.68 -15.30
CA LYS A 266 -2.73 -13.33 -15.48
C LYS A 266 -1.57 -12.58 -14.84
N LEU A 267 -1.65 -12.31 -13.55
CA LEU A 267 -0.59 -11.55 -12.88
C LEU A 267 0.58 -12.43 -12.46
N GLY A 268 1.74 -11.81 -12.31
CA GLY A 268 2.89 -12.49 -11.73
C GLY A 268 3.01 -12.14 -10.25
N TYR A 269 2.58 -10.93 -9.90
CA TYR A 269 2.64 -10.41 -8.53
C TYR A 269 1.36 -9.66 -8.21
N CYS A 270 0.93 -9.70 -6.96
CA CYS A 270 -0.29 -8.98 -6.62
C CYS A 270 -0.06 -8.09 -5.41
N GLN A 271 -0.74 -6.94 -5.37
CA GLN A 271 -0.38 -5.89 -4.43
C GLN A 271 -1.52 -5.31 -3.60
N PRO A 272 -2.13 -6.11 -2.70
CA PRO A 272 -3.17 -5.59 -1.79
C PRO A 272 -2.65 -4.45 -0.94
N ASP A 273 -3.48 -3.45 -0.73
CA ASP A 273 -3.12 -2.31 0.10
C ASP A 273 -4.06 -2.27 1.28
N ALA A 274 -3.54 -2.54 2.47
CA ALA A 274 -4.35 -2.57 3.68
C ALA A 274 -5.08 -1.25 3.91
N SER A 275 -4.49 -0.15 3.47
CA SER A 275 -5.08 1.16 3.70
C SER A 275 -6.40 1.35 2.96
N ASN A 276 -6.67 0.52 1.95
CA ASN A 276 -7.86 0.73 1.12
C ASN A 276 -8.48 -0.55 0.55
N CYS A 277 -8.25 -1.68 1.21
CA CYS A 277 -9.02 -2.87 0.89
C CYS A 277 -9.55 -3.49 2.18
N GLY A 278 -9.84 -2.64 3.15
CA GLY A 278 -10.48 -3.09 4.37
C GLY A 278 -9.52 -3.49 5.48
N GLY A 279 -8.48 -2.69 5.70
CA GLY A 279 -7.61 -2.87 6.84
C GLY A 279 -6.90 -4.20 6.80
N ILE A 280 -6.50 -4.69 7.97
CA ILE A 280 -5.78 -5.95 8.06
C ILE A 280 -6.71 -7.14 7.79
N THR A 281 -7.97 -7.06 8.23
CA THR A 281 -8.92 -8.10 7.89
C THR A 281 -9.04 -8.33 6.38
N GLY A 282 -9.35 -7.28 5.64
CA GLY A 282 -9.51 -7.38 4.20
C GLY A 282 -8.21 -7.77 3.54
N TRP A 283 -7.11 -7.21 4.01
CA TRP A 283 -5.80 -7.53 3.45
C TRP A 283 -5.52 -9.04 3.54
N LEU A 284 -5.73 -9.62 4.72
CA LEU A 284 -5.50 -11.05 4.91
C LEU A 284 -6.38 -11.85 3.98
N LYS A 285 -7.63 -11.41 3.81
CA LYS A 285 -8.53 -12.09 2.90
C LYS A 285 -7.97 -12.08 1.49
N ALA A 286 -7.36 -10.97 1.09
CA ALA A 286 -6.78 -10.89 -0.24
C ALA A 286 -5.48 -11.70 -0.35
N ALA A 287 -4.64 -11.61 0.67
CA ALA A 287 -3.36 -12.32 0.63
C ALA A 287 -3.58 -13.83 0.63
N ASP A 288 -4.60 -14.30 1.35
CA ASP A 288 -4.92 -15.72 1.31
C ASP A 288 -5.23 -16.15 -0.12
N LEU A 289 -6.18 -15.47 -0.73
CA LEU A 289 -6.57 -15.73 -2.10
C LEU A 289 -5.36 -15.78 -3.06
N ILE A 290 -4.53 -14.76 -2.96
CA ILE A 290 -3.38 -14.63 -3.83
C ILE A 290 -2.42 -15.80 -3.62
N THR A 291 -2.22 -16.17 -2.36
CA THR A 291 -1.43 -17.36 -2.03
C THR A 291 -2.04 -18.68 -2.55
N GLU A 292 -3.36 -18.83 -2.46
CA GLU A 292 -4.03 -20.01 -3.02
C GLU A 292 -3.76 -20.14 -4.52
N HIS A 293 -3.39 -19.03 -5.15
CA HIS A 293 -3.01 -19.07 -6.56
C HIS A 293 -1.51 -19.12 -6.78
N ASN A 294 -0.76 -19.23 -5.69
CA ASN A 294 0.70 -19.31 -5.74
C ASN A 294 1.32 -18.12 -6.43
N ILE A 295 0.89 -16.94 -6.03
CA ILE A 295 1.41 -15.68 -6.54
C ILE A 295 1.96 -14.88 -5.37
N PRO A 296 3.20 -14.38 -5.49
CA PRO A 296 3.85 -13.64 -4.39
C PRO A 296 3.01 -12.45 -3.89
N VAL A 297 2.81 -12.32 -2.58
CA VAL A 297 2.06 -11.21 -2.01
C VAL A 297 2.92 -9.96 -1.75
N CYS A 298 2.64 -8.87 -2.44
CA CYS A 298 3.41 -7.65 -2.22
C CYS A 298 2.52 -6.50 -1.74
N THR A 299 3.07 -5.31 -1.53
CA THR A 299 2.30 -4.20 -1.02
C THR A 299 2.81 -2.91 -1.53
N ASN A 300 1.96 -1.95 -1.84
CA ASN A 300 2.49 -0.60 -2.10
C ASN A 300 2.09 0.31 -0.97
N GLY A 301 2.91 1.33 -0.76
CA GLY A 301 2.63 2.28 0.27
C GLY A 301 2.74 1.72 1.67
N MET A 302 2.73 2.64 2.62
CA MET A 302 2.50 2.28 4.01
C MET A 302 3.53 1.31 4.55
N GLN A 303 4.79 1.50 4.18
CA GLN A 303 5.83 0.55 4.56
C GLN A 303 5.81 0.19 6.05
N GLU A 304 5.46 1.16 6.90
CA GLU A 304 5.54 0.94 8.34
C GLU A 304 4.48 -0.07 8.78
N LEU A 305 3.34 -0.09 8.11
CA LEU A 305 2.30 -1.08 8.41
C LEU A 305 2.52 -2.38 7.63
N HIS A 306 2.86 -2.26 6.34
CA HIS A 306 2.92 -3.43 5.47
C HIS A 306 4.13 -4.35 5.67
N VAL A 307 5.17 -3.87 6.33
CA VAL A 307 6.32 -4.71 6.64
C VAL A 307 5.87 -5.93 7.46
N SER A 308 4.97 -5.74 8.42
CA SER A 308 4.46 -6.85 9.20
C SER A 308 3.68 -7.84 8.35
N LEU A 309 2.93 -7.31 7.38
CA LEU A 309 2.05 -8.16 6.59
C LEU A 309 2.80 -8.92 5.49
N VAL A 310 3.73 -8.27 4.79
CA VAL A 310 4.57 -8.96 3.80
C VAL A 310 5.44 -10.03 4.48
N SER A 311 6.07 -9.67 5.59
CA SER A 311 6.95 -10.60 6.28
C SER A 311 6.15 -11.82 6.72
N ALA A 312 4.93 -11.59 7.20
CA ALA A 312 4.08 -12.68 7.69
C ALA A 312 3.78 -13.72 6.64
N PHE A 313 3.76 -13.32 5.37
CA PHE A 313 3.45 -14.25 4.29
C PHE A 313 4.74 -14.72 3.63
N ASP A 314 5.76 -13.86 3.65
CA ASP A 314 7.11 -14.28 3.30
C ASP A 314 7.20 -14.79 1.85
N THR A 315 6.56 -14.09 0.93
CA THR A 315 6.65 -14.45 -0.48
C THR A 315 6.87 -13.24 -1.38
N GLY A 316 6.56 -12.06 -0.85
CA GLY A 316 6.50 -10.90 -1.72
C GLY A 316 7.50 -9.84 -1.40
N TRP A 317 7.29 -8.70 -2.04
CA TRP A 317 8.14 -7.55 -1.86
C TRP A 317 7.38 -6.47 -1.12
N LEU A 318 8.12 -5.67 -0.36
CA LEU A 318 7.56 -4.49 0.30
C LEU A 318 8.02 -3.24 -0.43
N GLU A 319 7.10 -2.40 -0.84
CA GLU A 319 7.48 -1.14 -1.46
C GLU A 319 7.79 -0.12 -0.37
N VAL A 320 8.98 0.46 -0.43
CA VAL A 320 9.30 1.56 0.44
C VAL A 320 8.89 2.82 -0.29
N HIS A 321 7.70 3.29 0.07
CA HIS A 321 7.00 4.34 -0.65
C HIS A 321 7.53 5.74 -0.33
N SER A 322 7.29 6.67 -1.23
CA SER A 322 7.84 8.01 -1.09
C SER A 322 7.04 8.95 -0.18
N PHE A 323 5.81 8.60 0.18
CA PHE A 323 5.15 9.31 1.30
C PHE A 323 5.77 8.80 2.58
N PRO A 324 6.48 9.67 3.29
CA PRO A 324 7.24 9.26 4.46
C PRO A 324 6.38 9.14 5.74
N ILE A 325 5.31 8.36 5.70
CA ILE A 325 4.40 8.27 6.83
C ILE A 325 5.16 7.82 8.09
N ASP A 326 6.05 6.84 7.92
CA ASP A 326 6.85 6.27 9.00
C ASP A 326 7.77 7.29 9.68
N GLU A 327 8.13 8.36 8.98
CA GLU A 327 8.93 9.42 9.60
C GLU A 327 8.14 10.21 10.63
N TYR A 328 6.83 10.00 10.65
CA TYR A 328 6.00 10.69 11.62
C TYR A 328 5.49 9.71 12.66
N THR A 329 6.03 8.49 12.64
CA THR A 329 5.76 7.49 13.65
C THR A 329 7.00 7.36 14.51
N LYS A 330 6.89 6.65 15.62
CA LYS A 330 8.02 6.50 16.52
C LYS A 330 8.97 5.38 16.10
N ARG A 331 8.79 4.89 14.88
CA ARG A 331 9.69 3.89 14.30
C ARG A 331 9.70 4.00 12.78
N PRO A 332 10.52 4.89 12.25
CA PRO A 332 10.81 4.93 10.81
C PRO A 332 11.29 3.55 10.35
N LEU A 333 11.09 3.23 9.07
CA LEU A 333 11.32 1.87 8.58
C LEU A 333 12.72 1.40 8.94
N VAL A 334 12.82 0.19 9.47
CA VAL A 334 14.10 -0.37 9.83
C VAL A 334 14.58 -1.27 8.70
N VAL A 335 15.80 -1.03 8.23
CA VAL A 335 16.35 -1.90 7.19
C VAL A 335 17.71 -2.48 7.58
N GLU A 336 17.74 -3.79 7.78
CA GLU A 336 18.97 -4.47 8.09
C GLU A 336 19.32 -5.37 6.94
N ASN A 337 20.53 -5.21 6.42
CA ASN A 337 21.03 -6.11 5.39
C ASN A 337 20.08 -6.27 4.21
N PHE A 338 19.59 -5.13 3.69
CA PHE A 338 18.70 -5.05 2.51
C PHE A 338 17.28 -5.54 2.72
N ARG A 339 16.92 -5.86 3.95
CA ARG A 339 15.58 -6.33 4.22
C ARG A 339 14.89 -5.40 5.23
N ALA A 340 13.62 -5.15 5.02
CA ALA A 340 12.86 -4.35 5.97
C ALA A 340 12.52 -5.21 7.20
N VAL A 341 12.42 -4.59 8.37
CA VAL A 341 12.24 -5.33 9.61
C VAL A 341 10.99 -4.89 10.40
N ALA A 342 10.12 -5.85 10.69
CA ALA A 342 8.91 -5.57 11.43
C ALA A 342 9.20 -5.42 12.93
N SER A 343 8.33 -4.72 13.63
CA SER A 343 8.52 -4.51 15.06
C SER A 343 8.05 -5.75 15.83
N ASN A 344 8.66 -6.03 16.98
CA ASN A 344 8.13 -7.11 17.81
C ASN A 344 7.23 -6.53 18.90
N GLU A 345 7.00 -5.22 18.84
CA GLU A 345 6.08 -4.58 19.77
C GLU A 345 4.66 -5.05 19.50
N PRO A 346 3.92 -5.42 20.57
CA PRO A 346 2.54 -5.85 20.34
C PRO A 346 1.70 -4.73 19.73
N GLY A 347 0.68 -5.09 18.97
CA GLY A 347 -0.07 -4.12 18.22
C GLY A 347 0.39 -4.14 16.76
N ILE A 348 -0.02 -3.12 16.04
CA ILE A 348 0.24 -3.07 14.62
C ILE A 348 1.69 -2.63 14.36
N GLY A 349 2.37 -2.16 15.40
CA GLY A 349 3.76 -1.79 15.27
C GLY A 349 3.96 -0.40 14.74
N VAL A 350 2.92 0.42 14.82
CA VAL A 350 2.99 1.81 14.38
C VAL A 350 2.44 2.70 15.46
N GLU A 351 3.25 3.57 16.02
CA GLU A 351 2.72 4.55 16.96
C GLU A 351 3.05 5.93 16.44
N PHE A 352 2.03 6.72 16.11
CA PHE A 352 2.28 8.06 15.59
C PHE A 352 2.89 8.97 16.64
N ASP A 353 3.85 9.79 16.20
CA ASP A 353 4.36 10.85 17.05
C ASP A 353 3.42 12.06 16.97
N TRP A 354 2.38 12.04 17.81
CA TRP A 354 1.33 13.05 17.79
C TRP A 354 1.86 14.46 17.93
N ASP A 355 2.95 14.64 18.67
CA ASP A 355 3.49 15.98 18.85
C ASP A 355 3.98 16.50 17.51
N LYS A 356 4.65 15.64 16.76
CA LYS A 356 5.23 16.08 15.50
C LYS A 356 4.19 16.48 14.46
N ILE A 357 3.04 15.81 14.49
CA ILE A 357 2.07 15.96 13.40
C ILE A 357 0.89 16.82 13.82
N ALA A 358 0.84 17.13 15.11
CA ALA A 358 -0.15 18.06 15.65
C ALA A 358 -0.29 19.30 14.77
N GLN A 359 0.84 19.82 14.30
CA GLN A 359 0.89 21.05 13.50
C GLN A 359 0.24 20.93 12.12
N TYR A 360 -0.07 19.71 11.71
CA TYR A 360 -0.59 19.47 10.37
C TYR A 360 -2.03 19.02 10.42
N GLU A 361 -2.62 19.02 11.61
CA GLU A 361 -4.00 18.59 11.75
C GLU A 361 -4.95 19.62 11.19
N VAL A 362 -6.06 19.16 10.66
CA VAL A 362 -7.04 20.05 10.05
C VAL A 362 -8.21 20.29 11.00
MG MG B . 1.51 1.65 -9.12
MG MG C . -1.36 2.00 -2.08
#